data_6KS5
#
_entry.id   6KS5
#
_cell.length_a   67.350
_cell.length_b   71.610
_cell.length_c   142.870
_cell.angle_alpha   90.000
_cell.angle_beta   90.000
_cell.angle_gamma   90.000
#
_symmetry.space_group_name_H-M   'P 21 21 21'
#
_entity_poly.entity_id   1
_entity_poly.type   'polypeptide(L)'
_entity_poly.pdbx_seq_one_letter_code
;MHTKKDKKVISLQERVENAVDVSGAFDNCFFHNFALYLLTNNLPLPDDLFHFKSIINRNSKAEQLFEFFHNPESLNLFSI
LDKENDVSEPSGYLFEKSLILGFLLREWFPTQLVNNSAVKAEMLEGEKGVFSAFKNYKEYRSFMSKEELKSTEFGALYEA
NEAFLEYFYNRSESTLINKDSPFEKYFVGSSSDEEAIKNYWDAEGYTLYCQHLAKPQVKLSYIEIMTMMKVINQPLTIYD
RSTSSIVAEYVNPKVNLPDFEVAIDALQGHYFLLKTEETEKELEEYERSYAQYKRDRSEILAHSDKPVSSLLVRATCPKG
HLDEDPFIALIESLSEINSLSQIDTNLKNENT
;
_entity_poly.pdbx_strand_id   A,B
#
# COMPACT_ATOMS: atom_id res chain seq x y z
N ARG A 15 -4.58 21.08 1.60
CA ARG A 15 -4.74 21.61 2.94
C ARG A 15 -5.84 20.87 3.67
N VAL A 16 -6.00 21.14 4.96
CA VAL A 16 -7.13 20.61 5.71
C VAL A 16 -8.36 21.43 5.36
N GLU A 17 -9.39 20.76 4.84
CA GLU A 17 -10.63 21.41 4.43
C GLU A 17 -11.83 20.59 4.89
N ASN A 18 -12.95 21.28 5.01
CA ASN A 18 -14.22 20.68 5.42
C ASN A 18 -15.04 20.42 4.17
N ALA A 19 -14.96 19.19 3.65
CA ALA A 19 -15.67 18.84 2.43
C ALA A 19 -17.17 18.86 2.67
N VAL A 20 -17.92 18.93 1.57
CA VAL A 20 -19.38 18.92 1.66
C VAL A 20 -19.84 17.54 2.09
N ASP A 21 -20.91 17.50 2.89
CA ASP A 21 -21.49 16.24 3.33
C ASP A 21 -22.46 15.74 2.26
N VAL A 22 -22.07 14.66 1.56
CA VAL A 22 -22.87 14.11 0.46
C VAL A 22 -23.78 13.02 1.01
N SER A 23 -25.02 12.99 0.51
CA SER A 23 -26.00 12.02 0.98
C SER A 23 -25.54 10.59 0.74
N GLY A 24 -25.75 9.74 1.74
CA GLY A 24 -25.49 8.33 1.60
C GLY A 24 -26.76 7.54 1.35
N ALA A 25 -27.70 8.12 0.61
CA ALA A 25 -28.91 7.42 0.24
C ALA A 25 -28.61 6.36 -0.81
N PHE A 26 -29.24 5.20 -0.66
CA PHE A 26 -29.07 4.07 -1.57
C PHE A 26 -27.63 3.58 -1.63
N ASP A 27 -26.84 3.88 -0.59
CA ASP A 27 -25.44 3.45 -0.52
C ASP A 27 -24.64 3.85 -1.76
N ASN A 28 -25.01 4.97 -2.39
CA ASN A 28 -24.35 5.48 -3.59
C ASN A 28 -23.52 6.73 -3.27
N CYS A 29 -23.00 6.82 -2.05
CA CYS A 29 -22.39 8.04 -1.57
C CYS A 29 -21.16 8.43 -2.40
N PHE A 30 -20.36 7.44 -2.85
CA PHE A 30 -19.24 7.75 -3.71
C PHE A 30 -19.70 8.16 -5.10
N PHE A 31 -20.68 7.45 -5.65
CA PHE A 31 -21.18 7.82 -6.96
C PHE A 31 -21.80 9.20 -6.92
N HIS A 32 -22.44 9.56 -5.80
CA HIS A 32 -22.93 10.92 -5.65
C HIS A 32 -21.78 11.92 -5.67
N ASN A 33 -20.66 11.58 -5.00
CA ASN A 33 -19.46 12.41 -5.08
C ASN A 33 -18.97 12.53 -6.52
N PHE A 34 -18.86 11.40 -7.22
CA PHE A 34 -18.44 11.45 -8.62
C PHE A 34 -19.44 12.19 -9.47
N ALA A 35 -20.73 12.06 -9.15
CA ALA A 35 -21.78 12.72 -9.92
C ALA A 35 -21.62 14.24 -9.85
N LEU A 36 -21.63 14.80 -8.64
CA LEU A 36 -21.56 16.26 -8.53
C LEU A 36 -20.20 16.79 -8.93
N TYR A 37 -19.16 15.96 -8.91
CA TYR A 37 -17.88 16.36 -9.50
C TYR A 37 -18.01 16.54 -11.01
N LEU A 38 -18.80 15.70 -11.66
CA LEU A 38 -19.00 15.81 -13.10
C LEU A 38 -19.90 16.98 -13.46
N LEU A 39 -20.75 17.43 -12.53
CA LEU A 39 -21.69 18.51 -12.79
C LEU A 39 -21.19 19.87 -12.35
N THR A 40 -20.36 19.95 -11.30
CA THR A 40 -19.93 21.25 -10.80
C THR A 40 -19.02 21.95 -11.80
N ASN A 41 -18.06 21.23 -12.38
CA ASN A 41 -17.15 21.81 -13.35
C ASN A 41 -17.50 21.43 -14.79
N ASN A 42 -18.76 21.06 -15.04
CA ASN A 42 -19.34 21.01 -16.39
C ASN A 42 -18.62 20.05 -17.32
N LEU A 43 -18.07 18.95 -16.78
CA LEU A 43 -17.44 17.94 -17.62
C LEU A 43 -18.52 17.05 -18.24
N PRO A 44 -18.38 16.70 -19.52
CA PRO A 44 -19.36 15.81 -20.15
C PRO A 44 -19.47 14.48 -19.40
N LEU A 45 -20.72 14.02 -19.26
CA LEU A 45 -20.98 12.71 -18.71
C LEU A 45 -20.47 11.63 -19.67
N PRO A 46 -20.09 10.46 -19.16
CA PRO A 46 -19.63 9.39 -20.04
C PRO A 46 -20.72 8.96 -21.02
N ASP A 47 -20.30 8.69 -22.26
CA ASP A 47 -21.23 8.26 -23.29
C ASP A 47 -21.86 6.91 -22.91
N ASP A 48 -22.98 6.61 -23.57
CA ASP A 48 -23.77 5.39 -23.36
C ASP A 48 -24.06 5.12 -21.88
N LEU A 49 -24.09 6.18 -21.05
CA LEU A 49 -24.58 6.03 -19.68
C LEU A 49 -26.09 5.89 -19.64
N PHE A 50 -26.77 6.20 -20.74
CA PHE A 50 -28.22 6.19 -20.82
C PHE A 50 -28.75 5.10 -21.75
N HIS A 51 -27.88 4.27 -22.32
CA HIS A 51 -28.32 3.25 -23.25
C HIS A 51 -27.61 1.91 -23.06
N PHE A 52 -27.02 1.67 -21.89
CA PHE A 52 -26.28 0.44 -21.64
C PHE A 52 -27.22 -0.67 -21.15
N LYS A 53 -26.73 -1.91 -21.25
CA LYS A 53 -27.44 -3.09 -20.74
C LYS A 53 -26.67 -3.59 -19.52
N SER A 54 -27.30 -3.48 -18.34
CA SER A 54 -26.60 -3.74 -17.09
C SER A 54 -26.30 -5.23 -16.91
N ILE A 55 -25.27 -5.51 -16.12
CA ILE A 55 -24.91 -6.91 -15.88
C ILE A 55 -25.91 -7.59 -14.97
N ILE A 56 -26.52 -6.85 -14.04
CA ILE A 56 -27.29 -7.48 -12.98
C ILE A 56 -28.47 -8.25 -13.57
N ASN A 57 -28.76 -9.39 -12.98
CA ASN A 57 -29.84 -10.27 -13.43
C ASN A 57 -30.93 -10.43 -12.38
N ARG A 58 -31.20 -9.39 -11.59
CA ARG A 58 -32.35 -9.40 -10.68
C ARG A 58 -33.40 -8.37 -11.09
N ASN A 59 -33.03 -7.09 -11.06
CA ASN A 59 -33.82 -6.01 -11.65
C ASN A 59 -32.98 -4.74 -11.67
N SER A 60 -32.91 -4.07 -12.82
CA SER A 60 -31.97 -2.99 -13.02
C SER A 60 -32.66 -1.66 -12.70
N LYS A 61 -32.19 -0.99 -11.65
CA LYS A 61 -32.70 0.33 -11.35
C LYS A 61 -32.39 1.30 -12.48
N ALA A 62 -31.29 1.09 -13.20
CA ALA A 62 -30.96 1.96 -14.32
C ALA A 62 -31.93 1.77 -15.46
N GLU A 63 -32.34 0.53 -15.74
CA GLU A 63 -33.26 0.31 -16.84
C GLU A 63 -34.67 0.80 -16.52
N GLN A 64 -35.00 0.95 -15.24
CA GLN A 64 -36.29 1.54 -14.87
C GLN A 64 -36.28 3.05 -15.04
N LEU A 65 -35.13 3.70 -14.83
CA LEU A 65 -35.02 5.15 -15.00
C LEU A 65 -34.81 5.56 -16.45
N PHE A 66 -34.56 4.60 -17.36
CA PHE A 66 -34.33 4.95 -18.76
C PHE A 66 -35.56 5.50 -19.44
N GLU A 67 -36.74 5.28 -18.89
CA GLU A 67 -37.96 5.80 -19.50
C GLU A 67 -38.24 7.25 -19.14
N PHE A 68 -37.45 7.85 -18.23
CA PHE A 68 -37.57 9.27 -17.93
C PHE A 68 -36.39 10.09 -18.40
N PHE A 69 -35.22 9.48 -18.59
CA PHE A 69 -34.03 10.16 -19.05
C PHE A 69 -33.46 9.41 -20.25
N HIS A 70 -33.22 10.12 -21.34
CA HIS A 70 -32.58 9.54 -22.51
C HIS A 70 -31.37 10.31 -22.98
N ASN A 71 -31.26 11.59 -22.65
CA ASN A 71 -30.14 12.45 -22.99
C ASN A 71 -29.64 13.14 -21.73
N PRO A 72 -28.34 13.46 -21.66
CA PRO A 72 -27.77 14.20 -20.52
C PRO A 72 -28.44 15.55 -20.30
N SER A 74 -31.43 16.23 -20.89
CA SER A 74 -32.68 16.00 -20.18
C SER A 74 -32.42 15.68 -18.71
N LEU A 75 -32.14 16.61 -17.85
CA LEU A 75 -32.32 16.23 -16.46
C LEU A 75 -33.05 17.34 -15.77
N ASN A 76 -33.99 17.93 -16.48
CA ASN A 76 -34.63 19.08 -15.95
C ASN A 76 -35.87 18.83 -15.20
N LEU A 77 -35.90 19.46 -14.05
CA LEU A 77 -37.12 19.37 -13.26
C LEU A 77 -37.89 20.68 -13.32
N PHE A 78 -39.22 20.58 -13.45
CA PHE A 78 -40.10 21.74 -13.51
C PHE A 78 -40.95 21.92 -12.26
N SER A 79 -41.06 20.91 -11.41
CA SER A 79 -41.80 21.01 -10.16
C SER A 79 -41.05 21.87 -9.15
N TYR A 93 -31.18 23.22 -9.35
CA TYR A 93 -31.36 21.82 -8.96
C TYR A 93 -30.08 21.03 -9.24
N LEU A 94 -29.42 20.59 -8.17
CA LEU A 94 -28.18 19.84 -8.33
C LEU A 94 -28.20 18.57 -7.49
N PHE A 95 -28.87 18.62 -6.33
CA PHE A 95 -28.94 17.44 -5.48
C PHE A 95 -29.75 16.33 -6.13
N GLU A 96 -30.87 16.68 -6.75
CA GLU A 96 -31.71 15.67 -7.41
C GLU A 96 -30.99 15.02 -8.58
N LYS A 97 -30.06 15.74 -9.22
CA LYS A 97 -29.39 15.19 -10.39
C LYS A 97 -28.36 14.13 -9.99
N SER A 98 -27.61 14.37 -8.91
CA SER A 98 -26.60 13.41 -8.50
C SER A 98 -27.21 12.11 -8.01
N LEU A 99 -28.37 12.20 -7.34
CA LEU A 99 -29.00 10.98 -6.83
C LEU A 99 -29.48 10.09 -7.97
N ILE A 100 -29.98 10.68 -9.06
CA ILE A 100 -30.35 9.88 -10.21
C ILE A 100 -29.10 9.30 -10.88
N LEU A 101 -28.06 10.12 -11.05
CA LEU A 101 -26.83 9.63 -11.66
C LEU A 101 -26.14 8.57 -10.80
N GLY A 102 -26.38 8.60 -9.48
CA GLY A 102 -25.83 7.56 -8.64
C GLY A 102 -26.33 6.18 -9.02
N PHE A 103 -27.60 6.09 -9.41
CA PHE A 103 -28.16 4.79 -9.79
C PHE A 103 -27.55 4.27 -11.09
N LEU A 104 -27.43 5.14 -12.09
CA LEU A 104 -26.93 4.68 -13.39
C LEU A 104 -25.44 4.37 -13.32
N LEU A 105 -24.68 5.15 -12.54
CA LEU A 105 -23.25 4.90 -12.43
C LEU A 105 -22.98 3.59 -11.70
N ARG A 106 -23.81 3.25 -10.70
CA ARG A 106 -23.61 2.01 -9.96
C ARG A 106 -23.67 0.80 -10.89
N GLU A 107 -24.49 0.86 -11.94
CA GLU A 107 -24.60 -0.23 -12.88
C GLU A 107 -23.80 0.00 -14.15
N TRP A 108 -23.36 1.22 -14.42
CA TRP A 108 -22.59 1.48 -15.64
C TRP A 108 -21.15 0.99 -15.52
N PHE A 109 -20.48 1.36 -14.43
CA PHE A 109 -19.07 0.98 -14.24
C PHE A 109 -18.84 -0.52 -14.36
N PRO A 110 -19.63 -1.40 -13.71
CA PRO A 110 -19.36 -2.84 -13.86
C PRO A 110 -19.47 -3.34 -15.28
N THR A 111 -20.45 -2.87 -16.06
CA THR A 111 -20.51 -3.27 -17.46
C THR A 111 -19.32 -2.77 -18.26
N GLN A 112 -18.55 -1.81 -17.75
CA GLN A 112 -17.37 -1.35 -18.45
C GLN A 112 -16.12 -2.12 -18.06
N LEU A 113 -16.17 -2.94 -17.01
CA LEU A 113 -15.00 -3.70 -16.59
C LEU A 113 -15.34 -5.18 -16.44
N VAL A 114 -16.19 -5.70 -17.31
CA VAL A 114 -16.48 -7.13 -17.33
C VAL A 114 -15.93 -7.82 -18.58
N ASN A 115 -15.91 -7.13 -19.72
CA ASN A 115 -15.20 -7.60 -20.91
C ASN A 115 -13.84 -6.92 -21.06
N ASN A 116 -13.34 -6.29 -20.00
CA ASN A 116 -12.00 -5.69 -20.00
C ASN A 116 -11.05 -6.72 -19.43
N SER A 117 -10.42 -7.50 -20.32
CA SER A 117 -9.49 -8.53 -19.87
C SER A 117 -8.25 -7.94 -19.23
N ALA A 118 -7.85 -6.72 -19.64
CA ALA A 118 -6.66 -6.09 -19.08
C ALA A 118 -6.84 -5.83 -17.59
N VAL A 119 -7.94 -5.19 -17.21
CA VAL A 119 -8.25 -4.99 -15.80
C VAL A 119 -8.41 -6.33 -15.10
N LYS A 120 -9.01 -7.32 -15.78
CA LYS A 120 -9.19 -8.64 -15.21
C LYS A 120 -7.85 -9.25 -14.80
N ALA A 121 -6.80 -9.01 -15.60
CA ALA A 121 -5.48 -9.56 -15.28
C ALA A 121 -4.69 -8.65 -14.36
N GLU A 122 -4.80 -7.33 -14.53
CA GLU A 122 -4.10 -6.39 -13.67
C GLU A 122 -4.65 -6.36 -12.25
N MET A 123 -5.81 -6.95 -12.02
CA MET A 123 -6.44 -6.93 -10.70
C MET A 123 -5.98 -8.09 -9.82
N LEU A 124 -5.13 -8.97 -10.33
CA LEU A 124 -4.64 -10.07 -9.53
C LEU A 124 -3.31 -9.75 -8.84
N GLU A 125 -2.53 -8.84 -9.40
CA GLU A 125 -1.23 -8.53 -8.83
C GLU A 125 -1.36 -7.38 -7.83
N GLY A 126 -0.24 -7.03 -7.21
CA GLY A 126 -0.21 -5.96 -6.24
C GLY A 126 -0.41 -6.47 -4.82
N GLU A 127 0.04 -5.64 -3.87
CA GLU A 127 -0.15 -5.95 -2.46
C GLU A 127 -1.63 -6.05 -2.09
N LYS A 128 -2.52 -5.52 -2.92
CA LYS A 128 -3.95 -5.52 -2.65
C LYS A 128 -4.74 -6.27 -3.72
N GLY A 129 -4.08 -7.12 -4.50
CA GLY A 129 -4.74 -7.87 -5.54
C GLY A 129 -5.52 -9.05 -5.01
N VAL A 130 -6.11 -9.80 -5.96
CA VAL A 130 -6.91 -10.96 -5.59
C VAL A 130 -6.03 -12.07 -4.99
N PHE A 131 -4.82 -12.25 -5.54
CA PHE A 131 -3.88 -13.21 -4.98
C PHE A 131 -3.62 -12.93 -3.51
N SER A 132 -3.44 -11.66 -3.14
CA SER A 132 -3.18 -11.33 -1.76
C SER A 132 -4.46 -11.40 -0.93
N ALA A 133 -5.56 -10.89 -1.46
CA ALA A 133 -6.81 -10.87 -0.71
C ALA A 133 -7.28 -12.28 -0.41
N PHE A 134 -7.16 -13.18 -1.39
CA PHE A 134 -7.61 -14.55 -1.19
C PHE A 134 -6.69 -15.28 -0.20
N LYS A 135 -5.39 -15.21 -0.42
CA LYS A 135 -4.45 -15.82 0.51
C LYS A 135 -4.69 -15.29 1.92
N ASN A 136 -4.84 -13.97 2.07
CA ASN A 136 -5.19 -13.41 3.37
C ASN A 136 -6.48 -14.00 3.89
N TYR A 137 -7.47 -14.18 3.02
CA TYR A 137 -8.74 -14.75 3.45
C TYR A 137 -8.56 -16.13 4.07
N LYS A 138 -7.66 -16.93 3.50
CA LYS A 138 -7.52 -18.30 3.96
C LYS A 138 -6.86 -18.36 5.33
N GLU A 139 -5.72 -17.68 5.50
CA GLU A 139 -5.02 -17.77 6.78
C GLU A 139 -5.71 -16.95 7.87
N TYR A 140 -6.34 -15.82 7.51
CA TYR A 140 -6.99 -14.99 8.51
C TYR A 140 -8.28 -15.62 9.02
N ARG A 141 -8.94 -16.44 8.21
CA ARG A 141 -10.22 -16.99 8.65
C ARG A 141 -10.09 -18.08 9.70
N SER A 142 -8.86 -18.51 10.02
CA SER A 142 -8.73 -19.52 11.06
C SER A 142 -9.14 -18.99 12.42
N PHE A 143 -9.25 -17.67 12.59
CA PHE A 143 -9.68 -17.09 13.85
C PHE A 143 -10.62 -15.92 13.64
N MET A 144 -11.04 -15.65 12.41
CA MET A 144 -11.90 -14.51 12.10
C MET A 144 -13.13 -15.00 11.36
N SER A 145 -14.30 -14.60 11.85
CA SER A 145 -15.55 -14.90 11.15
C SER A 145 -15.56 -14.24 9.77
N LYS A 146 -16.35 -14.81 8.87
CA LYS A 146 -16.44 -14.26 7.52
C LYS A 146 -17.05 -12.86 7.54
N GLU A 147 -18.00 -12.61 8.46
CA GLU A 147 -18.57 -11.27 8.58
C GLU A 147 -17.53 -10.27 9.04
N GLU A 148 -16.57 -10.70 9.87
CA GLU A 148 -15.47 -9.81 10.26
C GLU A 148 -14.58 -9.48 9.07
N LEU A 149 -14.48 -10.38 8.09
CA LEU A 149 -13.74 -10.12 6.88
C LEU A 149 -14.59 -9.46 5.79
N LYS A 150 -15.92 -9.42 5.96
CA LYS A 150 -16.78 -8.70 5.03
C LYS A 150 -16.83 -7.21 5.30
N SER A 151 -16.53 -6.79 6.54
CA SER A 151 -16.42 -5.38 6.86
C SER A 151 -15.06 -4.81 6.50
N THR A 152 -14.19 -5.63 5.92
CA THR A 152 -12.86 -5.16 5.54
C THR A 152 -12.93 -4.44 4.20
N GLU A 153 -11.79 -3.87 3.80
CA GLU A 153 -11.64 -3.23 2.50
C GLU A 153 -11.95 -4.18 1.35
N PHE A 154 -11.86 -5.50 1.56
CA PHE A 154 -12.16 -6.46 0.52
C PHE A 154 -13.55 -7.07 0.65
N GLY A 155 -14.46 -6.39 1.35
CA GLY A 155 -15.76 -6.99 1.63
C GLY A 155 -16.54 -7.32 0.37
N ALA A 156 -16.58 -6.39 -0.59
CA ALA A 156 -17.31 -6.65 -1.82
C ALA A 156 -16.72 -7.81 -2.59
N LEU A 157 -15.39 -7.93 -2.60
CA LEU A 157 -14.73 -9.04 -3.27
C LEU A 157 -14.92 -10.35 -2.51
N TYR A 158 -14.90 -10.28 -1.19
CA TYR A 158 -15.09 -11.47 -0.38
C TYR A 158 -16.52 -12.00 -0.46
N GLU A 159 -17.49 -11.11 -0.73
CA GLU A 159 -18.87 -11.55 -0.81
C GLU A 159 -19.20 -12.13 -2.18
N ALA A 160 -18.65 -11.55 -3.25
CA ALA A 160 -18.94 -12.05 -4.58
C ALA A 160 -18.44 -13.49 -4.76
N ASN A 161 -17.25 -13.79 -4.25
CA ASN A 161 -16.65 -15.12 -4.38
C ASN A 161 -16.70 -15.89 -3.06
N GLU A 162 -17.79 -15.72 -2.32
CA GLU A 162 -17.90 -16.37 -1.01
C GLU A 162 -17.83 -17.89 -1.12
N ALA A 163 -18.53 -18.45 -2.11
CA ALA A 163 -18.60 -19.91 -2.22
C ALA A 163 -17.24 -20.51 -2.51
N PHE A 164 -16.49 -19.93 -3.46
CA PHE A 164 -15.17 -20.47 -3.78
C PHE A 164 -14.20 -20.26 -2.63
N LEU A 165 -14.28 -19.11 -1.94
CA LEU A 165 -13.35 -18.84 -0.86
C LEU A 165 -13.60 -19.76 0.33
N GLU A 166 -14.86 -20.02 0.66
CA GLU A 166 -15.16 -20.95 1.74
C GLU A 166 -14.67 -22.35 1.41
N TYR A 167 -14.91 -22.80 0.17
CA TYR A 167 -14.31 -24.04 -0.28
C TYR A 167 -12.78 -23.94 -0.23
N PHE A 168 -12.23 -22.79 -0.64
CA PHE A 168 -10.78 -22.60 -0.61
C PHE A 168 -10.24 -22.68 0.81
N TYR A 169 -10.99 -22.16 1.79
CA TYR A 169 -10.50 -22.14 3.16
C TYR A 169 -10.41 -23.54 3.74
N ASN A 170 -11.56 -24.22 3.85
CA ASN A 170 -11.59 -25.50 4.52
C ASN A 170 -10.87 -26.59 3.72
N ARG A 171 -10.71 -26.40 2.42
CA ARG A 171 -10.02 -27.41 1.63
C ARG A 171 -8.56 -27.51 2.03
N SER A 172 -7.95 -26.39 2.45
CA SER A 172 -6.56 -26.36 2.87
C SER A 172 -6.40 -26.44 4.38
N GLU A 173 -7.50 -26.45 5.14
CA GLU A 173 -7.43 -26.62 6.59
C GLU A 173 -7.89 -27.99 7.05
N SER A 174 -8.74 -28.66 6.28
CA SER A 174 -9.16 -30.02 6.56
C SER A 174 -8.68 -30.94 5.44
N THR A 175 -8.45 -32.20 5.78
CA THR A 175 -7.92 -33.18 4.82
C THR A 175 -9.01 -33.86 4.00
N LEU A 176 -10.27 -33.72 4.36
CA LEU A 176 -11.37 -34.35 3.65
C LEU A 176 -12.36 -33.31 3.16
N ILE A 177 -12.61 -33.32 1.85
CA ILE A 177 -13.46 -32.35 1.16
C ILE A 177 -14.78 -33.01 0.77
N ASN A 178 -15.61 -32.27 0.05
CA ASN A 178 -16.88 -32.79 -0.45
C ASN A 178 -16.81 -32.92 -1.97
N LYS A 179 -17.11 -34.12 -2.47
CA LYS A 179 -17.09 -34.40 -3.91
C LYS A 179 -18.05 -33.48 -4.64
N SER A 181 -17.28 -28.95 -4.67
CA SER A 181 -17.48 -29.77 -5.85
C SER A 181 -17.28 -28.98 -7.15
N PRO A 182 -18.07 -27.93 -7.40
CA PRO A 182 -17.92 -27.21 -8.68
C PRO A 182 -16.56 -26.57 -8.84
N PHE A 183 -15.89 -26.24 -7.74
CA PHE A 183 -14.61 -25.54 -7.81
C PHE A 183 -13.41 -26.47 -7.79
N GLU A 184 -13.62 -27.78 -7.65
CA GLU A 184 -12.47 -28.68 -7.58
C GLU A 184 -11.74 -28.79 -8.92
N LYS A 185 -12.39 -28.39 -10.02
CA LYS A 185 -11.73 -28.40 -11.31
C LYS A 185 -10.49 -27.50 -11.31
N TYR A 186 -10.58 -26.34 -10.63
CA TYR A 186 -9.47 -25.40 -10.60
C TYR A 186 -8.34 -25.84 -9.67
N PHE A 187 -8.52 -26.92 -8.91
CA PHE A 187 -7.57 -27.33 -7.89
C PHE A 187 -6.78 -28.59 -8.24
N VAL A 188 -7.39 -29.57 -8.89
CA VAL A 188 -6.62 -30.71 -9.36
C VAL A 188 -5.84 -30.31 -10.60
N GLY A 189 -4.67 -30.93 -10.79
CA GLY A 189 -3.78 -30.52 -11.88
C GLY A 189 -3.29 -29.10 -11.75
N SER A 190 -3.12 -28.62 -10.52
CA SER A 190 -2.70 -27.26 -10.25
C SER A 190 -1.28 -27.24 -9.71
N SER A 191 -0.48 -26.29 -10.19
CA SER A 191 0.87 -26.13 -9.67
C SER A 191 0.87 -25.44 -8.31
N SER A 192 0.00 -24.46 -8.11
CA SER A 192 0.06 -23.62 -6.92
C SER A 192 -1.34 -23.44 -6.35
N ASP A 193 -1.42 -22.69 -5.25
CA ASP A 193 -2.69 -22.09 -4.84
C ASP A 193 -3.01 -20.87 -5.68
N GLU A 194 -1.98 -20.20 -6.22
CA GLU A 194 -2.17 -19.06 -7.09
C GLU A 194 -2.57 -19.46 -8.50
N GLU A 195 -2.33 -20.73 -8.88
CA GLU A 195 -2.88 -21.20 -10.15
C GLU A 195 -4.35 -21.56 -10.02
N ALA A 196 -4.77 -22.05 -8.85
CA ALA A 196 -6.18 -22.32 -8.65
C ALA A 196 -6.99 -21.02 -8.59
N ILE A 197 -6.45 -19.99 -7.93
CA ILE A 197 -7.14 -18.71 -7.83
C ILE A 197 -7.31 -18.08 -9.21
N LYS A 198 -6.25 -18.09 -10.02
CA LYS A 198 -6.34 -17.56 -11.37
C LYS A 198 -7.32 -18.38 -12.22
N ASN A 199 -7.28 -19.70 -12.10
CA ASN A 199 -8.20 -20.54 -12.86
C ASN A 199 -9.65 -20.26 -12.47
N TYR A 200 -9.89 -19.98 -11.18
CA TYR A 200 -11.23 -19.59 -10.77
C TYR A 200 -11.57 -18.20 -11.28
N TRP A 201 -10.58 -17.29 -11.23
CA TRP A 201 -10.82 -15.89 -11.54
C TRP A 201 -11.19 -15.70 -13.01
N ASP A 202 -10.34 -16.20 -13.92
CA ASP A 202 -10.57 -15.99 -15.34
C ASP A 202 -11.79 -16.75 -15.85
N ALA A 203 -12.21 -17.79 -15.15
CA ALA A 203 -13.37 -18.55 -15.59
C ALA A 203 -14.65 -17.86 -15.17
N GLU A 204 -14.87 -17.73 -13.86
CA GLU A 204 -16.11 -17.14 -13.37
C GLU A 204 -15.93 -16.18 -12.20
N GLY A 205 -14.74 -16.06 -11.62
CA GLY A 205 -14.59 -15.20 -10.46
C GLY A 205 -14.71 -13.72 -10.78
N TYR A 206 -14.07 -13.28 -11.87
CA TYR A 206 -14.10 -11.88 -12.24
C TYR A 206 -15.51 -11.41 -12.58
N THR A 207 -16.26 -12.21 -13.35
CA THR A 207 -17.60 -11.76 -13.72
C THR A 207 -18.53 -11.74 -12.52
N LEU A 208 -18.42 -12.73 -11.63
CA LEU A 208 -19.19 -12.70 -10.39
C LEU A 208 -18.91 -11.43 -9.60
N TYR A 209 -17.66 -10.99 -9.61
CA TYR A 209 -17.29 -9.75 -8.93
C TYR A 209 -17.99 -8.55 -9.54
N CYS A 210 -18.01 -8.49 -10.88
CA CYS A 210 -18.66 -7.35 -11.50
C CYS A 210 -20.17 -7.39 -11.29
N GLN A 211 -20.74 -8.58 -11.18
CA GLN A 211 -22.18 -8.68 -10.94
C GLN A 211 -22.55 -8.24 -9.52
N HIS A 212 -21.62 -8.35 -8.58
CA HIS A 212 -21.90 -7.98 -7.20
C HIS A 212 -21.72 -6.49 -6.96
N LEU A 213 -20.77 -5.85 -7.64
CA LEU A 213 -20.58 -4.41 -7.47
C LEU A 213 -21.77 -3.61 -7.99
N ALA A 214 -22.56 -4.18 -8.90
CA ALA A 214 -23.61 -3.40 -9.53
C ALA A 214 -24.95 -3.50 -8.84
N LYS A 215 -25.16 -4.53 -8.01
CA LYS A 215 -26.42 -4.62 -7.30
C LYS A 215 -26.47 -3.60 -6.17
N PRO A 216 -27.66 -3.12 -5.82
CA PRO A 216 -27.78 -2.07 -4.81
C PRO A 216 -27.36 -2.56 -3.43
N GLN A 217 -27.13 -1.59 -2.55
CA GLN A 217 -26.77 -1.80 -1.15
C GLN A 217 -25.40 -2.45 -0.96
N VAL A 218 -24.66 -2.71 -2.04
CA VAL A 218 -23.28 -3.21 -1.95
C VAL A 218 -22.35 -2.00 -1.88
N LYS A 219 -21.61 -1.87 -0.78
CA LYS A 219 -20.81 -0.68 -0.58
C LYS A 219 -19.36 -0.85 -1.04
N LEU A 220 -18.78 0.26 -1.48
CA LEU A 220 -17.49 0.28 -2.13
C LEU A 220 -16.42 0.81 -1.19
N SER A 221 -15.25 0.18 -1.24
CA SER A 221 -14.05 0.64 -0.58
C SER A 221 -13.13 1.27 -1.63
N TYR A 222 -11.99 1.79 -1.17
CA TYR A 222 -11.08 2.45 -2.10
C TYR A 222 -10.43 1.49 -3.08
N ILE A 223 -10.56 0.18 -2.85
CA ILE A 223 -10.03 -0.83 -3.79
C ILE A 223 -10.78 -0.78 -5.11
N GLU A 224 -12.10 -1.01 -5.05
CA GLU A 224 -12.92 -1.00 -6.26
C GLU A 224 -12.86 0.35 -6.95
N ILE A 225 -12.85 1.43 -6.17
CA ILE A 225 -12.91 2.77 -6.74
C ILE A 225 -11.66 3.05 -7.57
N MET A 226 -10.49 2.64 -7.08
CA MET A 226 -9.26 2.90 -7.82
C MET A 226 -9.28 2.21 -9.18
N THR A 227 -9.68 0.92 -9.22
CA THR A 227 -9.81 0.25 -10.51
C THR A 227 -10.95 0.83 -11.32
N MET A 228 -11.97 1.39 -10.67
CA MET A 228 -13.02 2.09 -11.41
C MET A 228 -12.50 3.40 -11.99
N MET A 229 -11.72 4.15 -11.21
CA MET A 229 -11.16 5.39 -11.74
C MET A 229 -10.04 5.13 -12.72
N LYS A 230 -9.38 3.97 -12.63
CA LYS A 230 -8.32 3.66 -13.58
C LYS A 230 -8.87 3.26 -14.94
N VAL A 231 -10.05 2.63 -14.98
CA VAL A 231 -10.60 2.18 -16.25
C VAL A 231 -11.13 3.34 -17.08
N ILE A 232 -11.35 4.51 -16.47
CA ILE A 232 -11.76 5.69 -17.21
C ILE A 232 -10.74 6.82 -17.12
N ASN A 233 -9.55 6.53 -16.58
CA ASN A 233 -8.44 7.48 -16.55
C ASN A 233 -8.81 8.78 -15.82
N GLN A 234 -9.47 8.64 -14.67
CA GLN A 234 -9.87 9.79 -13.86
C GLN A 234 -9.00 9.86 -12.62
N PRO A 235 -8.06 10.81 -12.55
CA PRO A 235 -7.26 10.96 -11.33
C PRO A 235 -8.15 11.24 -10.12
N LEU A 236 -7.75 10.68 -8.98
CA LEU A 236 -8.54 10.80 -7.76
C LEU A 236 -7.61 10.70 -6.57
N THR A 237 -7.89 11.49 -5.55
CA THR A 237 -7.17 11.43 -4.29
C THR A 237 -8.18 11.31 -3.16
N ILE A 238 -7.97 10.34 -2.27
CA ILE A 238 -8.87 10.08 -1.16
C ILE A 238 -8.08 10.32 0.12
N TYR A 239 -8.41 11.40 0.83
CA TYR A 239 -7.76 11.72 2.09
C TYR A 239 -8.57 11.16 3.25
N ASP A 240 -7.93 11.15 4.43
CA ASP A 240 -8.64 10.89 5.67
C ASP A 240 -9.06 12.22 6.28
N ARG A 241 -10.34 12.34 6.61
CA ARG A 241 -10.87 13.60 7.14
C ARG A 241 -10.17 14.03 8.42
N SER A 242 -9.50 13.11 9.13
CA SER A 242 -8.89 13.47 10.40
C SER A 242 -7.43 13.90 10.25
N THR A 243 -6.64 13.14 9.49
CA THR A 243 -5.21 13.41 9.33
C THR A 243 -4.86 14.24 8.10
N SER A 244 -5.78 14.32 7.14
CA SER A 244 -5.55 14.87 5.81
C SER A 244 -4.44 14.14 5.06
N SER A 245 -4.05 12.94 5.49
CA SER A 245 -3.05 12.16 4.76
C SER A 245 -3.73 11.31 3.69
N ILE A 246 -2.94 10.97 2.67
CA ILE A 246 -3.44 10.25 1.51
C ILE A 246 -3.68 8.79 1.88
N VAL A 247 -4.86 8.29 1.59
CA VAL A 247 -5.21 6.88 1.83
C VAL A 247 -5.13 6.05 0.56
N ALA A 248 -5.68 6.57 -0.54
CA ALA A 248 -5.61 5.93 -1.85
C ALA A 248 -5.54 7.03 -2.89
N GLU A 249 -4.79 6.76 -3.96
CA GLU A 249 -4.46 7.81 -4.93
C GLU A 249 -4.30 7.19 -6.30
N TYR A 250 -4.90 7.82 -7.31
CA TYR A 250 -4.62 7.51 -8.70
C TYR A 250 -4.09 8.77 -9.37
N VAL A 251 -2.89 8.67 -9.94
CA VAL A 251 -2.20 9.82 -10.53
C VAL A 251 -1.92 9.52 -11.98
N ASN A 252 -2.36 10.42 -12.87
CA ASN A 252 -1.96 10.40 -14.27
C ASN A 252 -1.82 11.86 -14.68
N PRO A 253 -0.61 12.40 -14.73
CA PRO A 253 -0.43 13.79 -15.12
C PRO A 253 -0.68 14.06 -16.59
N LYS A 254 -0.71 13.03 -17.44
CA LYS A 254 -0.93 13.25 -18.86
C LYS A 254 -2.33 13.80 -19.12
N VAL A 255 -3.34 13.22 -18.48
CA VAL A 255 -4.68 13.80 -18.53
C VAL A 255 -4.74 14.96 -17.54
N ASN A 256 -5.34 16.07 -17.98
CA ASN A 256 -5.48 17.26 -17.15
C ASN A 256 -6.96 17.59 -17.07
N LEU A 257 -7.58 17.21 -15.97
CA LEU A 257 -8.95 17.55 -15.61
C LEU A 257 -8.93 18.27 -14.28
N PRO A 258 -10.01 18.94 -13.90
CA PRO A 258 -10.08 19.56 -12.57
C PRO A 258 -9.78 18.55 -11.46
N ASP A 259 -9.04 19.01 -10.46
CA ASP A 259 -8.57 18.13 -9.39
C ASP A 259 -9.74 17.47 -8.65
N PHE A 260 -9.77 16.14 -8.68
CA PHE A 260 -10.79 15.35 -8.00
C PHE A 260 -10.23 14.84 -6.68
N GLU A 261 -10.90 15.18 -5.58
CA GLU A 261 -10.41 14.84 -4.26
C GLU A 261 -11.56 14.76 -3.28
N VAL A 262 -11.68 13.63 -2.59
CA VAL A 262 -12.68 13.44 -1.55
C VAL A 262 -11.97 12.86 -0.33
N ALA A 263 -12.56 13.09 0.83
CA ALA A 263 -12.07 12.53 2.08
C ALA A 263 -13.08 11.53 2.65
N ILE A 264 -12.62 10.67 3.54
CA ILE A 264 -13.51 9.69 4.16
C ILE A 264 -13.15 9.47 5.62
N LEU A 267 -13.86 6.65 8.98
CA LEU A 267 -14.07 5.68 7.91
C LEU A 267 -15.27 4.80 8.23
N GLN A 268 -16.42 5.19 7.69
CA GLN A 268 -17.63 4.39 7.74
C GLN A 268 -18.22 4.24 6.34
N GLY A 269 -17.44 4.53 5.31
CA GLY A 269 -17.95 4.49 3.95
C GLY A 269 -18.63 5.77 3.51
N HIS A 270 -18.41 6.87 4.22
CA HIS A 270 -18.97 8.16 3.87
C HIS A 270 -17.86 9.04 3.31
N TYR A 271 -18.11 9.63 2.14
CA TYR A 271 -17.12 10.40 1.41
C TYR A 271 -17.55 11.87 1.37
N PHE A 272 -16.60 12.77 1.61
CA PHE A 272 -16.81 14.20 1.57
C PHE A 272 -16.05 14.76 0.38
N LEU A 273 -16.74 15.43 -0.53
CA LEU A 273 -16.09 16.03 -1.68
C LEU A 273 -15.50 17.38 -1.32
N LEU A 274 -14.22 17.58 -1.62
CA LEU A 274 -13.57 18.83 -1.33
C LEU A 274 -13.93 19.87 -2.38
N LYS A 275 -14.17 21.10 -1.95
CA LYS A 275 -14.53 22.17 -2.85
C LYS A 275 -13.28 22.86 -3.41
N THR A 276 -13.48 23.56 -4.52
CA THR A 276 -12.43 24.35 -5.17
C THR A 276 -13.06 25.63 -5.71
N GLU A 277 -12.27 26.42 -6.45
CA GLU A 277 -12.72 27.75 -6.86
C GLU A 277 -13.97 27.68 -7.73
N GLU A 278 -14.06 26.67 -8.59
CA GLU A 278 -15.23 26.52 -9.45
C GLU A 278 -16.37 25.73 -8.82
N THR A 279 -16.18 25.19 -7.61
CA THR A 279 -17.17 24.31 -6.98
C THR A 279 -17.80 24.89 -5.73
N GLU A 280 -17.14 25.83 -5.05
CA GLU A 280 -17.55 26.22 -3.69
C GLU A 280 -18.97 26.78 -3.66
N LYS A 281 -19.34 27.62 -4.64
CA LYS A 281 -20.67 28.20 -4.60
C LYS A 281 -21.72 27.25 -5.15
N GLU A 282 -21.33 26.31 -6.01
CA GLU A 282 -22.28 25.31 -6.52
C GLU A 282 -22.44 24.12 -5.58
N LEU A 283 -21.46 23.84 -4.73
CA LEU A 283 -21.61 22.82 -3.70
C LEU A 283 -22.24 23.38 -2.43
N GLU A 284 -21.99 24.66 -2.11
CA GLU A 284 -22.72 25.30 -1.02
C GLU A 284 -24.20 25.46 -1.36
N GLU A 285 -24.53 25.57 -2.65
CA GLU A 285 -25.93 25.53 -3.06
C GLU A 285 -26.53 24.15 -2.85
N TYR A 286 -25.72 23.10 -3.11
CA TYR A 286 -26.15 21.73 -2.88
C TYR A 286 -26.19 21.39 -1.40
N GLU A 287 -25.29 22.00 -0.61
CA GLU A 287 -25.36 21.80 0.83
C GLU A 287 -26.69 22.28 1.39
N ARG A 288 -27.28 23.31 0.76
CA ARG A 288 -28.52 23.89 1.26
C ARG A 288 -29.71 22.97 1.01
N SER A 289 -29.73 22.28 -0.14
CA SER A 289 -30.77 21.28 -0.38
C SER A 289 -30.68 20.14 0.64
N TYR A 290 -29.47 19.59 0.84
CA TYR A 290 -29.33 18.44 1.74
C TYR A 290 -29.80 18.79 3.14
N ALA A 291 -29.46 19.99 3.62
CA ALA A 291 -29.97 20.45 4.91
C ALA A 291 -31.48 20.64 4.88
N GLN A 292 -32.04 21.01 3.72
CA GLN A 292 -33.50 21.02 3.59
C GLN A 292 -34.04 19.61 3.56
N TYR A 293 -33.33 18.70 2.89
CA TYR A 293 -33.78 17.31 2.78
C TYR A 293 -33.77 16.61 4.13
N LYS A 294 -32.81 16.95 5.00
CA LYS A 294 -32.68 16.24 6.27
C LYS A 294 -33.87 16.54 7.19
N ARG A 295 -34.23 17.82 7.34
CA ARG A 295 -35.36 18.15 8.19
C ARG A 295 -36.68 17.78 7.53
N ASP A 296 -36.75 17.85 6.20
CA ASP A 296 -37.96 17.41 5.50
C ASP A 296 -38.16 15.91 5.68
N ARG A 297 -37.07 15.14 5.70
CA ARG A 297 -37.14 13.71 5.94
C ARG A 297 -37.37 13.37 7.41
N SER A 298 -37.34 14.35 8.30
CA SER A 298 -37.64 14.12 9.71
C SER A 298 -39.04 14.60 10.10
N GLU A 299 -39.73 15.34 9.22
CA GLU A 299 -41.15 15.62 9.35
C GLU A 299 -41.97 14.77 8.40
N ILE A 300 -41.31 13.92 7.59
CA ILE A 300 -42.03 13.02 6.68
C ILE A 300 -42.71 11.91 7.45
N LEU A 301 -42.21 11.59 8.64
CA LEU A 301 -42.71 10.48 9.44
C LEU A 301 -43.36 10.97 10.74
N PRO A 307 -46.50 18.58 3.40
CA PRO A 307 -46.21 20.01 3.22
C PRO A 307 -44.72 20.28 3.06
N VAL A 308 -44.03 19.40 2.34
CA VAL A 308 -42.59 19.43 2.25
C VAL A 308 -42.14 20.18 0.99
N SER A 309 -40.88 20.57 0.98
CA SER A 309 -40.35 21.41 -0.09
C SER A 309 -39.56 20.66 -1.16
N SER A 310 -38.96 19.51 -0.86
CA SER A 310 -38.02 18.87 -1.77
C SER A 310 -38.67 17.70 -2.51
N LEU A 311 -38.25 17.51 -3.77
CA LEU A 311 -38.95 16.59 -4.67
C LEU A 311 -38.85 15.15 -4.17
N LEU A 312 -37.64 14.62 -4.04
CA LEU A 312 -37.40 13.20 -3.82
C LEU A 312 -37.16 12.87 -2.35
N VAL A 313 -37.83 13.57 -1.44
CA VAL A 313 -37.56 13.38 -0.01
C VAL A 313 -37.97 11.97 0.42
N ARG A 314 -39.15 11.51 -0.01
CA ARG A 314 -39.60 10.18 0.39
C ARG A 314 -38.77 9.08 -0.25
N ALA A 315 -38.11 9.37 -1.37
CA ALA A 315 -37.28 8.35 -2.01
C ALA A 315 -36.00 8.09 -1.23
N THR A 316 -35.52 9.06 -0.48
CA THR A 316 -34.27 8.92 0.26
C THR A 316 -34.46 8.41 1.67
N CYS A 317 -35.69 8.10 2.08
CA CYS A 317 -35.92 7.59 3.42
C CYS A 317 -35.46 6.14 3.53
N PRO A 318 -35.15 5.68 4.74
CA PRO A 318 -34.84 4.26 4.94
C PRO A 318 -36.05 3.38 4.64
N LYS A 319 -35.78 2.10 4.38
CA LYS A 319 -36.86 1.19 4.06
C LYS A 319 -37.70 0.86 5.28
N GLY A 320 -38.94 0.45 5.03
CA GLY A 320 -39.83 -0.06 6.06
C GLY A 320 -40.67 0.99 6.76
N HIS A 321 -40.12 2.19 6.96
CA HIS A 321 -40.84 3.24 7.68
C HIS A 321 -42.04 3.74 6.89
N LEU A 322 -41.79 4.21 5.66
CA LEU A 322 -42.87 4.66 4.80
C LEU A 322 -43.23 3.65 3.71
N ASP A 323 -42.29 3.28 2.91
CA ASP A 323 -42.65 2.27 1.99
C ASP A 323 -41.78 1.08 2.17
N GLU A 324 -41.97 0.14 1.28
CA GLU A 324 -41.09 -0.98 1.28
C GLU A 324 -40.00 -0.74 0.25
N ASP A 325 -40.14 0.21 -0.67
CA ASP A 325 -39.09 0.46 -1.64
C ASP A 325 -38.77 1.88 -2.15
N PRO A 326 -38.11 2.59 -1.29
CA PRO A 326 -37.63 3.96 -1.59
C PRO A 326 -37.40 4.19 -3.07
N PHE A 327 -36.94 3.20 -3.82
CA PHE A 327 -36.71 3.43 -5.23
C PHE A 327 -38.04 3.57 -5.98
N ILE A 328 -39.02 2.72 -5.68
CA ILE A 328 -40.32 2.86 -6.33
C ILE A 328 -41.03 4.12 -5.87
N ALA A 329 -40.65 4.66 -4.71
CA ALA A 329 -41.09 6.00 -4.36
C ALA A 329 -40.41 7.06 -5.22
N LEU A 330 -39.24 6.74 -5.78
CA LEU A 330 -38.57 7.69 -6.66
C LEU A 330 -39.23 7.72 -8.04
N ILE A 331 -39.56 6.54 -8.57
CA ILE A 331 -40.20 6.48 -9.88
C ILE A 331 -41.64 6.95 -9.84
N GLU A 332 -42.30 6.88 -8.67
CA GLU A 332 -43.65 7.45 -8.60
C GLU A 332 -43.61 8.97 -8.75
N SER A 333 -42.60 9.62 -8.19
CA SER A 333 -42.51 11.07 -8.31
C SER A 333 -42.03 11.52 -9.69
N LEU A 334 -41.34 10.65 -10.41
CA LEU A 334 -40.90 10.98 -11.77
C LEU A 334 -42.01 10.81 -12.79
N SER A 335 -43.03 9.99 -12.49
CA SER A 335 -44.14 9.80 -13.40
C SER A 335 -45.06 11.00 -13.50
N GLU A 336 -44.95 11.96 -12.57
CA GLU A 336 -45.78 13.16 -12.62
C GLU A 336 -45.52 13.97 -13.88
N ILE A 337 -44.35 13.83 -14.48
CA ILE A 337 -44.03 14.52 -15.73
C ILE A 337 -44.94 14.06 -16.85
N SER B 11 8.30 -25.73 -4.36
CA SER B 11 8.63 -25.00 -5.58
C SER B 11 7.39 -24.53 -6.31
N LEU B 12 6.29 -24.32 -5.60
CA LEU B 12 5.09 -23.88 -6.30
C LEU B 12 4.89 -22.36 -6.26
N GLN B 13 4.40 -21.84 -5.14
CA GLN B 13 4.47 -20.40 -4.86
C GLN B 13 4.58 -20.14 -3.37
N GLU B 14 3.99 -21.02 -2.57
CA GLU B 14 3.90 -20.85 -1.13
C GLU B 14 5.01 -21.57 -0.40
N ARG B 15 5.95 -22.18 -1.14
CA ARG B 15 7.17 -22.67 -0.52
C ARG B 15 8.11 -21.48 -0.33
N VAL B 16 7.57 -20.39 0.21
CA VAL B 16 8.37 -19.37 0.86
C VAL B 16 8.69 -19.74 2.29
N GLU B 17 8.04 -20.79 2.81
CA GLU B 17 8.41 -21.32 4.13
C GLU B 17 9.83 -21.86 4.12
N ASN B 18 10.33 -22.26 2.96
CA ASN B 18 11.68 -22.79 2.83
C ASN B 18 12.69 -21.71 2.43
N ALA B 19 12.29 -20.44 2.45
CA ALA B 19 13.22 -19.35 2.14
C ALA B 19 14.36 -19.31 3.15
N VAL B 20 15.53 -18.90 2.68
CA VAL B 20 16.74 -18.99 3.50
C VAL B 20 16.74 -17.88 4.54
N ASP B 21 16.99 -18.26 5.79
CA ASP B 21 17.08 -17.33 6.91
C ASP B 21 18.47 -16.69 6.87
N VAL B 22 18.52 -15.46 6.39
CA VAL B 22 19.79 -14.76 6.21
C VAL B 22 20.16 -14.05 7.51
N SER B 23 21.45 -13.86 7.72
CA SER B 23 21.94 -13.34 9.00
C SER B 23 21.58 -11.88 9.17
N GLY B 24 21.35 -11.48 10.42
CA GLY B 24 21.00 -10.11 10.73
C GLY B 24 22.12 -9.37 11.43
N ALA B 25 23.36 -9.78 11.16
CA ALA B 25 24.51 -9.11 11.77
C ALA B 25 24.59 -7.67 11.30
N PHE B 26 24.82 -6.75 12.24
CA PHE B 26 24.90 -5.31 11.99
C PHE B 26 23.60 -4.73 11.44
N ASP B 27 22.50 -5.49 11.55
CA ASP B 27 21.21 -5.09 10.98
C ASP B 27 21.31 -4.81 9.48
N ASN B 28 22.26 -5.46 8.81
CA ASN B 28 22.38 -5.41 7.36
C ASN B 28 21.63 -6.53 6.68
N CYS B 29 20.52 -6.97 7.27
CA CYS B 29 19.88 -8.21 6.84
C CYS B 29 19.41 -8.12 5.40
N PHE B 30 18.74 -7.02 5.03
CA PHE B 30 18.30 -6.87 3.66
C PHE B 30 19.47 -6.85 2.69
N PHE B 31 20.51 -6.08 3.02
CA PHE B 31 21.65 -5.98 2.13
C PHE B 31 22.35 -7.32 1.96
N HIS B 32 22.32 -8.17 2.99
CA HIS B 32 22.78 -9.54 2.83
C HIS B 32 21.99 -10.24 1.74
N ASN B 33 20.67 -10.11 1.77
CA ASN B 33 19.82 -10.70 0.74
C ASN B 33 20.24 -10.22 -0.64
N PHE B 34 20.24 -8.90 -0.84
CA PHE B 34 20.66 -8.34 -2.12
C PHE B 34 22.03 -8.87 -2.53
N ALA B 35 22.95 -8.95 -1.57
CA ALA B 35 24.26 -9.53 -1.86
C ALA B 35 24.13 -10.94 -2.40
N LEU B 36 23.40 -11.80 -1.69
CA LEU B 36 23.23 -13.18 -2.14
C LEU B 36 22.56 -13.24 -3.50
N TYR B 37 21.53 -12.43 -3.72
CA TYR B 37 20.92 -12.36 -5.04
C TYR B 37 21.90 -11.89 -6.10
N LEU B 38 22.94 -11.16 -5.71
CA LEU B 38 23.93 -10.68 -6.68
C LEU B 38 25.01 -11.70 -6.98
N LEU B 39 25.38 -12.52 -6.00
CA LEU B 39 26.47 -13.47 -6.17
C LEU B 39 25.99 -14.83 -6.68
N THR B 40 24.85 -15.31 -6.19
CA THR B 40 24.35 -16.61 -6.64
C THR B 40 23.86 -16.56 -8.08
N ASN B 41 23.35 -15.42 -8.51
CA ASN B 41 22.98 -15.25 -9.91
C ASN B 41 24.12 -14.71 -10.75
N ASN B 42 25.32 -14.56 -10.16
CA ASN B 42 26.51 -14.10 -10.88
C ASN B 42 26.25 -12.77 -11.60
N LEU B 43 25.42 -11.90 -10.97
CA LEU B 43 25.08 -10.62 -11.56
C LEU B 43 26.17 -9.59 -11.28
N PRO B 44 26.34 -8.60 -12.15
CA PRO B 44 27.41 -7.61 -11.93
C PRO B 44 27.08 -6.71 -10.74
N LEU B 45 28.08 -6.49 -9.90
CA LEU B 45 27.99 -5.52 -8.81
C LEU B 45 28.12 -4.12 -9.36
N PRO B 46 27.80 -3.09 -8.56
CA PRO B 46 28.06 -1.71 -9.01
C PRO B 46 29.54 -1.48 -9.28
N ASP B 47 29.82 -0.65 -10.29
CA ASP B 47 31.20 -0.44 -10.71
C ASP B 47 32.01 0.28 -9.64
N ASP B 48 31.40 1.22 -8.93
CA ASP B 48 32.11 2.04 -7.94
C ASP B 48 31.91 1.54 -6.51
N LEU B 49 31.44 0.31 -6.33
CA LEU B 49 31.22 -0.21 -4.98
C LEU B 49 32.52 -0.32 -4.18
N PHE B 50 33.66 -0.44 -4.86
CA PHE B 50 34.93 -0.63 -4.17
C PHE B 50 35.83 0.61 -4.20
N HIS B 51 35.36 1.72 -4.78
CA HIS B 51 36.15 2.95 -4.73
C HIS B 51 35.28 4.20 -4.55
N PHE B 52 34.04 4.07 -4.10
CA PHE B 52 33.19 5.24 -3.92
C PHE B 52 33.56 5.98 -2.63
N LYS B 53 33.16 7.26 -2.58
CA LYS B 53 33.31 8.07 -1.38
C LYS B 53 32.02 8.03 -0.58
N SER B 54 32.14 7.71 0.72
CA SER B 54 31.00 7.54 1.59
C SER B 54 30.23 8.85 1.79
N ILE B 55 28.94 8.70 2.14
CA ILE B 55 28.09 9.84 2.48
C ILE B 55 28.42 10.37 3.86
N ILE B 56 28.83 9.49 4.77
CA ILE B 56 29.11 9.91 6.13
C ILE B 56 30.53 10.46 6.22
N ASN B 57 30.78 11.25 7.26
CA ASN B 57 32.03 11.99 7.41
C ASN B 57 33.24 11.06 7.38
N ARG B 58 33.33 10.14 8.35
CA ARG B 58 34.40 9.15 8.42
C ARG B 58 34.02 8.04 9.39
N SER B 60 34.59 4.40 8.73
CA SER B 60 33.99 4.47 7.39
C SER B 60 33.20 3.20 7.10
N LYS B 61 33.72 2.05 7.52
CA LYS B 61 33.03 0.77 7.42
C LYS B 61 32.80 0.37 5.97
N ALA B 62 33.15 1.21 5.05
CA ALA B 62 33.28 0.90 3.64
C ALA B 62 34.61 1.37 3.09
N GLU B 63 35.08 2.54 3.51
CA GLU B 63 36.41 3.01 3.16
C GLU B 63 37.46 2.43 4.09
N GLN B 64 37.06 2.03 5.29
CA GLN B 64 37.90 1.16 6.10
C GLN B 64 38.05 -0.22 5.46
N LEU B 65 37.02 -0.73 4.78
CA LEU B 65 37.18 -1.99 4.07
C LEU B 65 38.00 -1.86 2.81
N PHE B 66 38.13 -0.66 2.26
CA PHE B 66 38.85 -0.51 1.00
C PHE B 66 40.32 -0.90 1.12
N GLU B 67 40.88 -0.91 2.32
CA GLU B 67 42.28 -1.26 2.49
C GLU B 67 42.54 -2.74 2.24
N PHE B 68 41.50 -3.58 2.29
CA PHE B 68 41.63 -4.99 1.92
C PHE B 68 40.92 -5.36 0.63
N PHE B 69 39.90 -4.59 0.21
CA PHE B 69 39.06 -4.98 -0.93
C PHE B 69 38.93 -3.79 -1.89
N HIS B 70 39.70 -3.81 -2.96
CA HIS B 70 39.66 -2.74 -3.96
C HIS B 70 38.89 -3.12 -5.22
N ASN B 71 38.41 -4.35 -5.31
CA ASN B 71 37.75 -4.85 -6.50
C ASN B 71 36.99 -6.10 -6.13
N PRO B 72 36.01 -6.51 -6.95
CA PRO B 72 35.32 -7.78 -6.68
C PRO B 72 36.25 -8.98 -6.66
N GLU B 73 37.43 -8.86 -7.27
CA GLU B 73 38.39 -9.95 -7.32
C GLU B 73 39.12 -10.17 -6.00
N SER B 74 39.02 -9.25 -5.05
CA SER B 74 39.74 -9.38 -3.79
C SER B 74 38.94 -10.12 -2.72
N LEU B 75 37.73 -10.55 -3.02
CA LEU B 75 36.88 -11.20 -2.01
C LEU B 75 37.17 -12.71 -1.94
N ASN B 76 38.44 -13.03 -1.68
CA ASN B 76 38.91 -14.40 -1.65
C ASN B 76 39.57 -14.68 -0.29
N LEU B 77 38.91 -15.50 0.53
CA LEU B 77 39.40 -15.88 1.84
C LEU B 77 40.14 -17.21 1.73
N PHE B 78 41.42 -17.21 2.09
CA PHE B 78 42.32 -18.33 1.85
C PHE B 78 42.66 -19.02 3.16
N SER B 79 42.19 -20.27 3.29
CA SER B 79 42.58 -21.16 4.37
C SER B 79 42.62 -22.57 3.79
N ILE B 80 43.72 -23.27 3.97
CA ILE B 80 43.87 -24.61 3.44
C ILE B 80 44.00 -25.65 4.54
N GLY B 92 33.83 -22.75 -0.55
CA GLY B 92 32.93 -21.64 -0.78
C GLY B 92 32.73 -20.85 0.49
N TYR B 93 32.98 -19.54 0.44
CA TYR B 93 32.93 -18.67 1.59
C TYR B 93 31.87 -17.59 1.40
N LEU B 94 30.70 -17.97 0.88
CA LEU B 94 29.71 -16.98 0.48
C LEU B 94 29.14 -16.22 1.68
N PHE B 95 29.11 -16.84 2.87
CA PHE B 95 28.69 -16.09 4.05
C PHE B 95 29.66 -14.97 4.36
N GLU B 96 30.96 -15.26 4.29
CA GLU B 96 31.96 -14.23 4.52
C GLU B 96 31.83 -13.08 3.53
N LYS B 97 31.45 -13.38 2.29
CA LYS B 97 31.23 -12.33 1.30
C LYS B 97 29.88 -11.66 1.45
N SER B 98 28.90 -12.31 2.09
CA SER B 98 27.61 -11.68 2.31
C SER B 98 27.71 -10.59 3.37
N LEU B 99 28.35 -10.90 4.50
CA LEU B 99 28.45 -9.94 5.60
C LEU B 99 29.42 -8.80 5.30
N ILE B 100 30.14 -8.86 4.18
CA ILE B 100 31.13 -7.85 3.82
C ILE B 100 30.56 -6.91 2.77
N LEU B 101 29.77 -7.46 1.84
CA LEU B 101 29.17 -6.59 0.83
C LEU B 101 28.03 -5.76 1.42
N GLY B 102 27.29 -6.31 2.39
CA GLY B 102 26.25 -5.52 3.02
C GLY B 102 26.77 -4.27 3.67
N PHE B 103 28.03 -4.28 4.10
CA PHE B 103 28.65 -3.10 4.69
C PHE B 103 28.83 -2.00 3.65
N LEU B 104 29.38 -2.33 2.50
CA LEU B 104 29.54 -1.34 1.45
C LEU B 104 28.19 -0.85 0.95
N LEU B 105 27.22 -1.76 0.80
CA LEU B 105 25.91 -1.35 0.29
C LEU B 105 25.15 -0.50 1.30
N ARG B 106 25.35 -0.73 2.60
CA ARG B 106 24.66 0.08 3.60
C ARG B 106 24.99 1.57 3.43
N GLU B 107 26.23 1.86 3.04
CA GLU B 107 26.65 3.23 2.79
C GLU B 107 26.58 3.62 1.32
N TRP B 108 26.64 2.65 0.40
CA TRP B 108 26.61 2.98 -1.02
C TRP B 108 25.24 3.47 -1.45
N PHE B 109 24.17 2.84 -0.95
CA PHE B 109 22.83 3.25 -1.34
C PHE B 109 22.52 4.70 -0.97
N PRO B 110 22.75 5.16 0.27
CA PRO B 110 22.40 6.56 0.58
C PRO B 110 23.11 7.60 -0.27
N THR B 111 24.35 7.34 -0.69
CA THR B 111 25.03 8.30 -1.56
C THR B 111 24.40 8.39 -2.94
N GLN B 112 23.65 7.37 -3.38
CA GLN B 112 22.94 7.43 -4.64
C GLN B 112 21.53 7.98 -4.49
N LEU B 113 21.15 8.39 -3.29
CA LEU B 113 19.90 9.09 -3.04
C LEU B 113 20.11 10.50 -2.50
N VAL B 114 21.24 10.75 -1.84
CA VAL B 114 21.43 11.98 -1.10
C VAL B 114 21.38 13.19 -2.03
N ASN B 115 21.81 13.03 -3.28
CA ASN B 115 21.93 14.18 -4.17
C ASN B 115 20.94 14.14 -5.33
N ASN B 116 20.07 13.14 -5.39
CA ASN B 116 19.03 13.05 -6.43
C ASN B 116 17.85 13.92 -5.97
N SER B 117 17.61 15.03 -6.68
CA SER B 117 16.48 15.88 -6.32
C SER B 117 15.16 15.18 -6.58
N ALA B 118 15.11 14.29 -7.59
CA ALA B 118 13.85 13.67 -7.98
C ALA B 118 13.30 12.80 -6.85
N VAL B 119 14.14 11.92 -6.30
CA VAL B 119 13.71 11.06 -5.20
C VAL B 119 13.37 11.89 -3.97
N LYS B 120 14.12 12.98 -3.75
CA LYS B 120 13.82 13.87 -2.64
C LYS B 120 12.39 14.39 -2.73
N ALA B 121 11.94 14.73 -3.94
CA ALA B 121 10.59 15.23 -4.12
C ALA B 121 9.57 14.08 -4.19
N GLU B 122 9.89 13.02 -4.93
CA GLU B 122 8.96 11.91 -5.08
C GLU B 122 8.65 11.25 -3.75
N MET B 123 9.52 11.37 -2.76
CA MET B 123 9.30 10.77 -1.46
C MET B 123 8.31 11.53 -0.59
N LEU B 124 7.76 12.65 -1.09
CA LEU B 124 6.88 13.45 -0.25
C LEU B 124 5.41 13.04 -0.40
N GLU B 125 4.94 12.87 -1.63
CA GLU B 125 3.54 12.56 -1.87
C GLU B 125 3.32 11.04 -1.87
N GLY B 126 2.07 10.64 -1.99
CA GLY B 126 1.67 9.25 -1.97
C GLY B 126 1.07 8.84 -0.63
N GLU B 127 0.61 7.59 -0.58
CA GLU B 127 0.05 7.05 0.65
C GLU B 127 1.15 6.76 1.67
N LYS B 128 2.39 6.56 1.21
CA LYS B 128 3.52 6.28 2.09
C LYS B 128 4.60 7.35 1.97
N GLY B 129 4.21 8.56 1.58
CA GLY B 129 5.12 9.68 1.54
C GLY B 129 5.34 10.28 2.91
N VAL B 130 6.17 11.32 2.94
CA VAL B 130 6.48 11.97 4.22
C VAL B 130 5.35 12.90 4.65
N PHE B 131 4.61 13.48 3.70
CA PHE B 131 3.43 14.25 4.06
C PHE B 131 2.48 13.40 4.90
N SER B 132 2.17 12.19 4.44
CA SER B 132 1.29 11.31 5.18
C SER B 132 1.95 10.83 6.48
N ALA B 133 3.21 10.43 6.41
CA ALA B 133 3.87 9.86 7.58
C ALA B 133 3.91 10.87 8.72
N PHE B 134 4.29 12.11 8.41
CA PHE B 134 4.39 13.14 9.42
C PHE B 134 3.02 13.52 9.96
N LYS B 135 2.01 13.61 9.09
CA LYS B 135 0.66 13.91 9.56
C LYS B 135 0.10 12.76 10.38
N ASN B 136 0.47 11.52 10.04
CA ASN B 136 0.09 10.39 10.89
C ASN B 136 0.83 10.45 12.22
N TYR B 137 2.15 10.69 12.18
CA TYR B 137 2.93 10.84 13.39
C TYR B 137 2.32 11.86 14.33
N LYS B 138 1.86 12.98 13.78
CA LYS B 138 1.31 14.06 14.59
C LYS B 138 0.15 13.56 15.45
N GLU B 139 -0.96 13.19 14.83
CA GLU B 139 -2.12 12.89 15.65
C GLU B 139 -2.05 11.50 16.28
N TYR B 140 -1.24 10.59 15.74
CA TYR B 140 -1.08 9.28 16.40
C TYR B 140 -0.31 9.40 17.70
N ARG B 141 0.63 10.35 17.77
CA ARG B 141 1.35 10.60 19.02
C ARG B 141 0.43 11.11 20.13
N SER B 142 -0.89 11.19 19.91
CA SER B 142 -1.78 11.54 21.00
C SER B 142 -2.20 10.33 21.82
N PHE B 143 -1.91 9.11 21.36
CA PHE B 143 -2.30 7.93 22.12
C PHE B 143 -1.26 6.80 22.09
N MET B 144 -0.09 7.01 21.49
CA MET B 144 0.96 6.00 21.51
C MET B 144 2.31 6.67 21.74
N SER B 145 3.28 5.86 22.17
CA SER B 145 4.60 6.32 22.57
C SER B 145 5.34 6.98 21.40
N LYS B 146 6.51 7.55 21.70
CA LYS B 146 7.48 7.91 20.67
C LYS B 146 8.15 6.68 20.09
N GLU B 147 7.93 5.52 20.68
CA GLU B 147 8.13 4.24 20.05
C GLU B 147 6.76 3.70 19.67
N GLU B 148 6.74 2.47 19.18
CA GLU B 148 5.57 1.91 18.50
C GLU B 148 5.26 2.71 17.24
N LEU B 149 5.99 3.78 16.97
CA LEU B 149 5.99 4.46 15.69
C LEU B 149 7.28 4.21 14.93
N LYS B 150 8.40 4.23 15.64
CA LYS B 150 9.64 3.68 15.12
C LYS B 150 9.57 2.15 14.98
N SER B 151 8.60 1.51 15.63
CA SER B 151 8.35 0.10 15.41
C SER B 151 7.55 -0.15 14.14
N THR B 152 6.95 0.88 13.56
CA THR B 152 6.15 0.74 12.35
C THR B 152 7.07 0.69 11.13
N GLU B 153 6.47 0.76 9.95
CA GLU B 153 7.24 0.74 8.71
C GLU B 153 8.03 2.04 8.51
N PHE B 154 7.66 3.13 9.17
CA PHE B 154 8.39 4.39 9.05
C PHE B 154 9.40 4.60 10.17
N GLY B 155 9.97 3.50 10.70
CA GLY B 155 10.87 3.62 11.83
C GLY B 155 12.12 4.41 11.53
N ALA B 156 12.79 4.11 10.41
CA ALA B 156 14.02 4.80 10.07
C ALA B 156 13.77 6.28 9.78
N LEU B 157 12.62 6.62 9.24
CA LEU B 157 12.32 8.02 8.94
C LEU B 157 11.90 8.78 10.20
N TYR B 158 11.19 8.11 11.10
CA TYR B 158 10.79 8.73 12.35
C TYR B 158 11.98 8.97 13.27
N GLU B 159 13.06 8.20 13.11
CA GLU B 159 14.23 8.42 13.95
C GLU B 159 15.12 9.52 13.37
N ALA B 160 15.24 9.59 12.05
CA ALA B 160 16.08 10.62 11.45
C ALA B 160 15.51 12.01 11.73
N ASN B 161 14.19 12.16 11.68
CA ASN B 161 13.53 13.46 11.83
C ASN B 161 12.81 13.59 13.17
N GLU B 162 13.28 12.86 14.19
CA GLU B 162 12.63 12.90 15.50
C GLU B 162 12.53 14.32 16.05
N ALA B 163 13.60 15.11 15.89
CA ALA B 163 13.58 16.47 16.42
C ALA B 163 12.54 17.32 15.70
N PHE B 164 12.45 17.20 14.38
CA PHE B 164 11.46 17.98 13.66
C PHE B 164 10.05 17.49 13.96
N LEU B 165 9.87 16.18 14.15
CA LEU B 165 8.53 15.64 14.40
C LEU B 165 8.04 15.93 15.81
N GLU B 166 8.96 16.01 16.79
CA GLU B 166 8.55 16.30 18.16
C GLU B 166 8.19 17.78 18.33
N TYR B 167 8.89 18.67 17.63
CA TYR B 167 8.42 20.05 17.60
C TYR B 167 7.11 20.15 16.82
N PHE B 168 6.98 19.37 15.74
CA PHE B 168 5.72 19.28 15.01
C PHE B 168 4.56 18.97 15.94
N TYR B 169 4.69 17.91 16.73
CA TYR B 169 3.57 17.46 17.56
C TYR B 169 3.31 18.40 18.72
N ASN B 170 4.33 19.04 19.27
CA ASN B 170 4.08 19.91 20.42
C ASN B 170 3.54 21.27 19.99
N ARG B 171 3.87 21.73 18.77
CA ARG B 171 3.20 22.87 18.17
C ARG B 171 1.72 22.59 17.90
N SER B 172 1.27 21.33 17.98
CA SER B 172 -0.10 20.99 17.62
C SER B 172 -1.09 21.44 18.67
N GLU B 173 -0.89 21.02 19.92
CA GLU B 173 -1.86 21.29 20.97
C GLU B 173 -1.21 21.86 22.21
N SER B 174 -0.14 22.64 22.04
CA SER B 174 0.38 23.50 23.09
C SER B 174 0.22 24.95 22.67
N THR B 175 0.02 25.82 23.66
CA THR B 175 -0.18 27.24 23.41
C THR B 175 1.02 28.08 23.82
N LEU B 176 2.17 27.45 24.06
CA LEU B 176 3.42 28.15 24.35
C LEU B 176 4.53 27.46 23.57
N ILE B 177 5.39 28.25 22.92
CA ILE B 177 6.51 27.70 22.16
C ILE B 177 7.76 28.53 22.44
N ASN B 178 8.91 27.95 22.11
CA ASN B 178 10.21 28.57 22.39
C ASN B 178 10.69 29.37 21.18
N LYS B 179 11.31 30.53 21.45
CA LYS B 179 11.73 31.42 20.37
C LYS B 179 12.74 30.75 19.46
N ASP B 180 13.91 30.42 20.00
CA ASP B 180 15.03 29.91 19.22
C ASP B 180 15.03 28.39 19.12
N SER B 181 13.90 27.79 18.69
CA SER B 181 13.92 26.41 18.23
C SER B 181 14.07 26.41 16.72
N PRO B 182 15.09 25.71 16.18
CA PRO B 182 15.43 25.86 14.76
C PRO B 182 14.34 25.46 13.78
N PHE B 183 13.26 24.89 14.28
CA PHE B 183 12.17 24.46 13.43
C PHE B 183 11.06 25.49 13.30
N GLU B 184 11.14 26.61 14.03
CA GLU B 184 10.12 27.63 13.89
C GLU B 184 10.18 28.33 12.53
N LYS B 185 11.31 28.24 11.83
CA LYS B 185 11.44 28.92 10.55
C LYS B 185 10.45 28.38 9.53
N TYR B 186 10.17 27.08 9.56
CA TYR B 186 9.29 26.45 8.59
C TYR B 186 7.81 26.69 8.90
N PHE B 187 7.47 27.12 10.11
CA PHE B 187 6.09 27.32 10.52
C PHE B 187 5.63 28.77 10.45
N VAL B 188 6.55 29.72 10.27
CA VAL B 188 6.12 31.11 10.06
C VAL B 188 5.64 31.36 8.64
N GLY B 189 6.04 30.51 7.69
CA GLY B 189 5.39 30.45 6.40
C GLY B 189 4.22 29.49 6.48
N SER B 190 3.29 29.79 7.38
CA SER B 190 2.21 28.87 7.76
C SER B 190 1.05 28.92 6.77
N SER B 191 1.34 28.73 5.48
CA SER B 191 0.24 28.62 4.53
C SER B 191 -0.35 27.22 4.53
N SER B 192 0.42 26.23 4.95
CA SER B 192 -0.03 24.85 5.08
C SER B 192 0.98 24.10 5.92
N ASP B 193 0.51 23.07 6.63
CA ASP B 193 1.44 22.15 7.29
C ASP B 193 2.18 21.30 6.27
N GLU B 194 1.61 21.11 5.08
CA GLU B 194 2.30 20.40 4.02
C GLU B 194 3.39 21.26 3.38
N GLU B 195 3.33 22.58 3.53
CA GLU B 195 4.43 23.43 3.11
C GLU B 195 5.48 23.60 4.21
N ALA B 196 5.08 23.45 5.47
CA ALA B 196 6.06 23.45 6.56
C ALA B 196 6.96 22.23 6.49
N ILE B 197 6.38 21.04 6.30
CA ILE B 197 7.23 19.85 6.25
C ILE B 197 7.96 19.76 4.92
N LYS B 198 7.32 20.20 3.82
CA LYS B 198 8.03 20.27 2.54
C LYS B 198 9.24 21.18 2.65
N ASN B 199 9.05 22.39 3.22
CA ASN B 199 10.17 23.31 3.42
C ASN B 199 11.29 22.65 4.22
N TYR B 200 10.95 21.99 5.33
CA TYR B 200 11.95 21.33 6.15
C TYR B 200 12.61 20.20 5.39
N TRP B 201 11.84 19.47 4.58
CA TRP B 201 12.35 18.29 3.90
C TRP B 201 13.46 18.64 2.92
N ASP B 202 13.18 19.56 2.00
CA ASP B 202 14.18 19.95 1.01
C ASP B 202 15.21 20.92 1.56
N ALA B 203 15.14 21.28 2.85
CA ALA B 203 16.18 22.10 3.49
C ALA B 203 17.16 21.24 4.26
N GLU B 204 16.66 20.41 5.19
CA GLU B 204 17.50 19.52 5.95
C GLU B 204 16.89 18.16 6.23
N GLY B 205 15.58 17.97 6.04
CA GLY B 205 14.96 16.70 6.37
C GLY B 205 15.45 15.55 5.51
N TYR B 206 15.53 15.78 4.19
CA TYR B 206 15.90 14.70 3.27
C TYR B 206 17.30 14.17 3.57
N THR B 207 18.30 15.05 3.57
CA THR B 207 19.66 14.60 3.81
C THR B 207 19.80 14.02 5.21
N LEU B 208 19.10 14.59 6.20
CA LEU B 208 19.11 14.02 7.55
C LEU B 208 18.69 12.56 7.53
N TYR B 209 17.74 12.21 6.66
CA TYR B 209 17.24 10.84 6.59
C TYR B 209 18.18 9.95 5.79
N CYS B 210 18.82 10.50 4.76
CA CYS B 210 19.74 9.72 3.95
C CYS B 210 20.99 9.33 4.74
N GLN B 211 21.59 10.27 5.49
CA GLN B 211 22.74 9.89 6.31
C GLN B 211 22.35 9.12 7.55
N HIS B 212 21.06 9.01 7.85
CA HIS B 212 20.62 8.08 8.88
C HIS B 212 20.60 6.64 8.37
N LEU B 213 20.29 6.43 7.08
CA LEU B 213 20.24 5.07 6.55
C LEU B 213 21.63 4.43 6.49
N ALA B 214 22.68 5.24 6.36
CA ALA B 214 24.02 4.69 6.28
C ALA B 214 24.63 4.43 7.65
N LYS B 215 24.03 4.94 8.72
CA LYS B 215 24.49 4.61 10.05
C LYS B 215 24.28 3.13 10.31
N PRO B 216 25.18 2.47 11.03
CA PRO B 216 25.01 1.04 11.29
C PRO B 216 23.92 0.80 12.32
N GLN B 217 23.39 -0.42 12.30
CA GLN B 217 22.33 -0.89 13.20
C GLN B 217 21.01 -0.15 12.98
N VAL B 218 20.83 0.50 11.84
CA VAL B 218 19.55 1.10 11.48
C VAL B 218 18.79 0.09 10.64
N LYS B 219 17.63 -0.35 11.13
CA LYS B 219 16.84 -1.33 10.41
C LYS B 219 16.04 -0.66 9.30
N LEU B 220 15.86 -1.40 8.20
CA LEU B 220 15.15 -0.89 7.03
C LEU B 220 13.88 -1.69 6.80
N SER B 221 12.77 -0.98 6.65
CA SER B 221 11.51 -1.56 6.25
C SER B 221 11.30 -1.32 4.75
N TYR B 222 10.19 -1.83 4.22
CA TYR B 222 10.03 -1.88 2.77
C TYR B 222 9.98 -0.50 2.13
N ILE B 223 9.63 0.54 2.88
CA ILE B 223 9.61 1.89 2.34
C ILE B 223 11.03 2.35 2.01
N GLU B 224 11.98 2.12 2.92
CA GLU B 224 13.39 2.33 2.61
C GLU B 224 13.81 1.49 1.42
N ILE B 225 13.34 0.24 1.35
CA ILE B 225 13.78 -0.70 0.33
C ILE B 225 13.23 -0.31 -1.04
N MET B 226 11.96 0.11 -1.09
CA MET B 226 11.30 0.31 -2.38
C MET B 226 11.96 1.42 -3.18
N THR B 227 12.17 2.59 -2.56
CA THR B 227 12.87 3.64 -3.26
C THR B 227 14.32 3.29 -3.48
N MET B 228 14.92 2.52 -2.57
CA MET B 228 16.27 2.02 -2.81
C MET B 228 16.32 1.14 -4.05
N MET B 229 15.29 0.31 -4.25
CA MET B 229 15.35 -0.65 -5.34
C MET B 229 15.13 0.01 -6.70
N LYS B 230 14.41 1.13 -6.75
CA LYS B 230 14.25 1.81 -8.04
C LYS B 230 15.51 2.60 -8.42
N VAL B 231 16.14 3.28 -7.46
CA VAL B 231 17.32 4.04 -7.80
C VAL B 231 18.41 3.17 -8.41
N ILE B 232 18.35 1.86 -8.15
CA ILE B 232 19.16 0.88 -8.88
C ILE B 232 18.33 0.13 -9.92
N ASN B 233 17.02 0.40 -10.00
CA ASN B 233 16.14 -0.18 -11.01
C ASN B 233 16.13 -1.70 -10.92
N GLN B 234 16.08 -2.20 -9.69
CA GLN B 234 16.04 -3.62 -9.42
C GLN B 234 14.62 -3.99 -9.00
N PRO B 235 13.89 -4.76 -9.81
CA PRO B 235 12.56 -5.23 -9.38
C PRO B 235 12.68 -6.05 -8.11
N LEU B 236 11.62 -6.06 -7.33
CA LEU B 236 11.64 -6.77 -6.07
C LEU B 236 10.22 -7.02 -5.60
N THR B 237 10.03 -8.15 -4.91
CA THR B 237 8.75 -8.46 -4.28
C THR B 237 9.01 -8.88 -2.84
N ILE B 238 8.23 -8.33 -1.92
CA ILE B 238 8.30 -8.70 -0.50
C ILE B 238 7.01 -9.41 -0.15
N TYR B 239 7.15 -10.67 0.26
CA TYR B 239 6.02 -11.50 0.63
C TYR B 239 5.89 -11.56 2.15
N ASP B 240 4.67 -11.87 2.60
CA ASP B 240 4.44 -12.21 4.00
C ASP B 240 4.85 -13.66 4.20
N ARG B 241 5.80 -13.89 5.11
CA ARG B 241 6.29 -15.24 5.33
C ARG B 241 5.16 -16.20 5.75
N SER B 242 4.13 -15.69 6.42
CA SER B 242 3.08 -16.57 6.93
C SER B 242 2.05 -16.92 5.85
N THR B 243 1.56 -15.92 5.12
CA THR B 243 0.43 -16.08 4.22
C THR B 243 0.81 -16.13 2.75
N SER B 244 2.03 -15.73 2.41
CA SER B 244 2.52 -15.52 1.04
C SER B 244 1.90 -14.31 0.36
N SER B 245 1.13 -13.49 1.08
CA SER B 245 0.62 -12.26 0.53
C SER B 245 1.77 -11.30 0.22
N ILE B 246 1.56 -10.45 -0.78
CA ILE B 246 2.56 -9.45 -1.13
C ILE B 246 2.46 -8.29 -0.15
N VAL B 247 3.54 -8.03 0.58
CA VAL B 247 3.58 -6.88 1.48
C VAL B 247 3.87 -5.61 0.70
N ALA B 248 4.85 -5.67 -0.20
CA ALA B 248 5.19 -4.57 -1.07
C ALA B 248 5.89 -5.14 -2.29
N GLU B 249 5.82 -4.41 -3.40
CA GLU B 249 6.46 -4.89 -4.63
C GLU B 249 6.69 -3.71 -5.55
N TYR B 250 7.95 -3.50 -5.94
CA TYR B 250 8.26 -2.59 -7.03
C TYR B 250 8.32 -3.38 -8.33
N VAL B 251 7.47 -3.03 -9.28
CA VAL B 251 7.36 -3.75 -10.54
C VAL B 251 8.18 -3.05 -11.61
N ASN B 252 8.81 -3.85 -12.47
CA ASN B 252 9.52 -3.35 -13.65
C ASN B 252 9.29 -4.36 -14.76
N PRO B 253 8.06 -4.42 -15.29
CA PRO B 253 7.69 -5.54 -16.18
C PRO B 253 8.38 -5.50 -17.53
N LYS B 254 9.72 -5.46 -17.52
CA LYS B 254 10.49 -5.57 -18.75
C LYS B 254 11.68 -6.51 -18.61
N VAL B 255 12.02 -6.97 -17.41
CA VAL B 255 13.25 -7.72 -17.20
C VAL B 255 13.10 -9.16 -17.67
N ASN B 256 14.00 -9.59 -18.55
CA ASN B 256 14.26 -10.99 -18.83
C ASN B 256 15.39 -11.55 -17.95
N LEU B 257 15.69 -10.89 -16.85
CA LEU B 257 16.75 -11.22 -15.90
C LEU B 257 16.17 -11.94 -14.69
N PRO B 258 17.04 -12.56 -13.86
CA PRO B 258 16.54 -13.29 -12.68
C PRO B 258 15.64 -12.47 -11.77
N ASP B 259 14.79 -13.12 -11.00
CA ASP B 259 13.83 -12.42 -10.15
C ASP B 259 14.35 -12.34 -8.73
N PHE B 260 14.15 -11.17 -8.12
CA PHE B 260 14.56 -10.89 -6.75
C PHE B 260 13.29 -10.81 -5.91
N GLU B 261 13.07 -11.83 -5.09
CA GLU B 261 11.90 -11.90 -4.23
C GLU B 261 12.33 -12.38 -2.86
N VAL B 262 11.89 -11.68 -1.82
CA VAL B 262 12.20 -12.07 -0.45
C VAL B 262 10.91 -12.10 0.35
N ALA B 263 11.00 -12.59 1.57
CA ALA B 263 9.84 -12.67 2.45
C ALA B 263 10.25 -12.25 3.86
N ILE B 264 9.33 -11.60 4.57
CA ILE B 264 9.57 -11.13 5.92
C ILE B 264 8.46 -11.59 6.84
N ASP B 265 8.78 -11.70 8.12
CA ASP B 265 7.80 -11.94 9.18
C ASP B 265 7.47 -10.69 9.97
N ALA B 266 8.30 -9.65 9.88
CA ALA B 266 8.09 -8.39 10.60
C ALA B 266 8.33 -7.22 9.66
N LEU B 267 7.49 -6.18 9.79
CA LEU B 267 7.57 -5.02 8.89
C LEU B 267 8.96 -4.40 8.91
N GLN B 268 9.53 -4.25 10.11
CA GLN B 268 10.87 -3.73 10.30
C GLN B 268 11.64 -4.84 11.00
N GLY B 269 12.28 -5.72 10.23
CA GLY B 269 12.93 -6.87 10.81
C GLY B 269 13.72 -7.74 9.86
N HIS B 270 13.55 -9.06 10.00
CA HIS B 270 14.34 -10.05 9.29
C HIS B 270 13.81 -10.26 7.87
N TYR B 271 14.73 -10.48 6.94
CA TYR B 271 14.42 -10.69 5.53
C TYR B 271 14.93 -12.06 5.08
N PHE B 272 14.03 -12.88 4.52
CA PHE B 272 14.36 -14.23 4.06
C PHE B 272 14.38 -14.25 2.54
N LEU B 273 15.45 -14.80 1.96
CA LEU B 273 15.61 -14.84 0.52
C LEU B 273 14.95 -16.09 -0.07
N LEU B 274 14.09 -15.92 -1.06
CA LEU B 274 13.48 -17.05 -1.74
C LEU B 274 14.48 -17.70 -2.69
N LYS B 275 14.41 -19.02 -2.77
CA LYS B 275 15.33 -19.77 -3.61
C LYS B 275 14.75 -20.00 -5.00
N THR B 276 15.65 -20.02 -5.98
CA THR B 276 15.36 -20.51 -7.31
C THR B 276 16.41 -21.56 -7.62
N GLU B 277 16.10 -22.47 -8.56
CA GLU B 277 17.00 -23.58 -8.81
C GLU B 277 18.37 -23.13 -9.28
N GLU B 278 18.46 -21.99 -9.95
CA GLU B 278 19.76 -21.47 -10.32
C GLU B 278 20.57 -21.03 -9.10
N THR B 279 19.91 -20.70 -7.99
CA THR B 279 20.59 -20.26 -6.78
C THR B 279 20.46 -21.24 -5.62
N GLU B 280 19.65 -22.29 -5.77
CA GLU B 280 19.37 -23.19 -4.64
C GLU B 280 20.64 -23.79 -4.05
N LYS B 281 21.39 -24.55 -4.86
CA LYS B 281 22.50 -25.34 -4.34
C LYS B 281 23.50 -24.49 -3.56
N GLU B 282 23.82 -23.30 -4.03
CA GLU B 282 24.80 -22.48 -3.32
C GLU B 282 24.21 -21.75 -2.12
N LEU B 283 22.89 -21.60 -2.05
CA LEU B 283 22.27 -20.95 -0.90
C LEU B 283 22.01 -21.91 0.25
N GLU B 284 22.17 -23.21 0.04
CA GLU B 284 22.06 -24.18 1.11
C GLU B 284 23.40 -24.50 1.76
N GLU B 285 24.51 -24.23 1.08
CA GLU B 285 25.78 -24.17 1.79
C GLU B 285 25.93 -22.86 2.56
N TYR B 286 25.18 -21.83 2.17
CA TYR B 286 25.01 -20.68 3.05
C TYR B 286 24.18 -21.07 4.27
N GLU B 287 23.07 -21.78 4.06
CA GLU B 287 22.29 -22.32 5.18
C GLU B 287 23.19 -23.13 6.11
N ARG B 288 24.06 -23.98 5.54
CA ARG B 288 24.93 -24.80 6.37
C ARG B 288 26.02 -23.97 7.04
N SER B 289 26.60 -23.02 6.30
CA SER B 289 27.65 -22.17 6.90
C SER B 289 27.07 -21.29 8.01
N TYR B 290 25.90 -20.68 7.77
CA TYR B 290 25.27 -19.84 8.78
C TYR B 290 24.88 -20.64 10.02
N ALA B 291 24.50 -21.90 9.85
CA ALA B 291 24.23 -22.75 11.00
C ALA B 291 25.50 -23.04 11.79
N GLN B 292 26.64 -23.11 11.11
CA GLN B 292 27.91 -23.30 11.81
C GLN B 292 28.33 -22.02 12.53
N TYR B 293 28.08 -20.86 11.92
CA TYR B 293 28.32 -19.59 12.59
C TYR B 293 27.51 -19.48 13.88
N LYS B 294 26.27 -19.99 13.87
CA LYS B 294 25.42 -19.89 15.05
C LYS B 294 25.94 -20.77 16.19
N ARG B 295 26.33 -22.01 15.89
CA ARG B 295 26.90 -22.87 16.92
C ARG B 295 28.21 -22.31 17.44
N ASP B 296 29.02 -21.71 16.54
CA ASP B 296 30.29 -21.13 16.97
C ASP B 296 30.08 -19.86 17.79
N ARG B 297 29.09 -19.04 17.40
CA ARG B 297 28.80 -17.82 18.14
C ARG B 297 28.32 -18.13 19.56
N SER B 298 27.63 -19.26 19.74
CA SER B 298 27.09 -19.61 21.04
C SER B 298 28.14 -20.12 22.02
N GLU B 299 29.30 -20.54 21.51
CA GLU B 299 30.35 -21.06 22.37
C GLU B 299 31.59 -20.18 22.40
N ILE B 300 31.72 -19.24 21.46
CA ILE B 300 32.71 -18.18 21.63
C ILE B 300 32.25 -17.21 22.71
N LEU B 301 30.93 -17.09 22.89
CA LEU B 301 30.37 -16.16 23.87
C LEU B 301 30.45 -16.69 25.29
N ALA B 302 30.65 -17.99 25.45
CA ALA B 302 30.95 -18.58 26.75
C ALA B 302 32.45 -18.46 27.00
N HIS B 303 32.96 -19.17 28.01
CA HIS B 303 34.42 -19.27 28.16
C HIS B 303 34.93 -20.13 27.02
N SER B 304 35.40 -19.48 25.95
CA SER B 304 35.52 -20.18 24.67
C SER B 304 36.71 -21.13 24.66
N ASP B 305 37.93 -20.58 24.68
CA ASP B 305 39.16 -21.35 24.71
C ASP B 305 39.10 -22.62 23.86
N LYS B 306 38.50 -22.56 22.68
CA LYS B 306 38.21 -23.75 21.89
C LYS B 306 38.33 -23.43 20.41
N PRO B 307 38.76 -24.38 19.58
CA PRO B 307 38.88 -24.13 18.14
C PRO B 307 37.50 -24.09 17.48
N VAL B 308 37.25 -23.03 16.72
CA VAL B 308 36.02 -22.89 15.95
C VAL B 308 36.40 -22.62 14.49
N SER B 309 35.48 -22.95 13.60
CA SER B 309 35.77 -22.96 12.17
C SER B 309 35.38 -21.66 11.48
N SER B 310 34.20 -21.13 11.78
CA SER B 310 33.69 -19.93 11.12
C SER B 310 34.69 -18.78 11.25
N LEU B 311 35.09 -18.25 10.11
CA LEU B 311 36.30 -17.43 10.05
C LEU B 311 36.08 -16.05 10.66
N LEU B 312 34.85 -15.54 10.64
CA LEU B 312 34.52 -14.22 11.18
C LEU B 312 33.46 -14.32 12.27
N VAL B 313 33.54 -15.35 13.11
CA VAL B 313 32.51 -15.57 14.12
C VAL B 313 32.51 -14.44 15.14
N ARG B 314 33.70 -13.97 15.54
CA ARG B 314 33.80 -12.90 16.53
C ARG B 314 33.17 -11.60 16.07
N ALA B 315 33.06 -11.38 14.76
CA ALA B 315 32.49 -10.16 14.22
C ALA B 315 30.97 -10.21 14.11
N THR B 316 30.36 -11.39 14.10
CA THR B 316 28.91 -11.52 14.07
C THR B 316 28.28 -11.43 15.46
N CYS B 317 29.10 -11.37 16.50
CA CYS B 317 28.58 -11.30 17.86
C CYS B 317 27.96 -9.94 18.14
N PRO B 318 26.95 -9.87 19.00
CA PRO B 318 26.27 -8.60 19.25
C PRO B 318 27.17 -7.61 19.96
N LYS B 319 26.67 -6.38 20.09
CA LYS B 319 27.44 -5.32 20.73
C LYS B 319 27.67 -5.63 22.20
N GLY B 320 28.86 -5.28 22.68
CA GLY B 320 29.17 -5.41 24.09
C GLY B 320 29.66 -6.79 24.50
N HIS B 321 29.26 -7.82 23.76
CA HIS B 321 29.52 -9.19 24.21
C HIS B 321 31.00 -9.52 24.19
N LEU B 322 31.68 -9.31 23.05
CA LEU B 322 33.12 -9.50 22.96
C LEU B 322 33.86 -8.19 22.75
N ASP B 323 33.41 -7.50 21.73
CA ASP B 323 33.89 -6.21 21.29
C ASP B 323 32.78 -5.17 21.33
N GLU B 324 33.13 -3.92 21.10
CA GLU B 324 32.16 -2.85 21.14
C GLU B 324 31.62 -2.46 19.78
N ASP B 325 32.31 -2.90 18.73
CA ASP B 325 31.92 -2.60 17.36
C ASP B 325 32.08 -3.82 16.49
N PRO B 326 31.80 -4.96 17.07
CA PRO B 326 31.95 -6.17 16.27
C PRO B 326 32.68 -5.88 14.97
N PHE B 327 32.54 -4.66 14.45
CA PHE B 327 33.16 -4.33 13.17
C PHE B 327 34.68 -4.26 13.28
N ILE B 328 35.19 -3.72 14.38
CA ILE B 328 36.65 -3.64 14.56
C ILE B 328 37.23 -5.01 14.83
N ALA B 329 36.45 -5.92 15.44
CA ALA B 329 36.87 -7.31 15.53
C ALA B 329 36.95 -7.97 14.15
N LEU B 330 36.16 -7.48 13.20
CA LEU B 330 36.21 -8.00 11.84
C LEU B 330 37.48 -7.59 11.14
N ILE B 331 37.78 -6.28 11.13
CA ILE B 331 39.01 -5.81 10.50
C ILE B 331 40.23 -6.31 11.27
N GLU B 332 40.07 -6.59 12.56
CA GLU B 332 41.16 -7.25 13.29
C GLU B 332 41.38 -8.68 12.78
N SER B 333 40.30 -9.42 12.56
CA SER B 333 40.39 -10.77 12.00
C SER B 333 40.58 -10.76 10.48
N LEU B 334 40.52 -9.59 9.85
CA LEU B 334 40.86 -9.45 8.44
C LEU B 334 42.32 -9.06 8.24
N SER B 335 43.16 -9.16 9.26
CA SER B 335 44.55 -8.78 9.13
C SER B 335 45.26 -9.73 8.15
#